data_2C2S
#
_entry.id   2C2S
#
_cell.length_a   87.671
_cell.length_b   93.864
_cell.length_c   95.782
_cell.angle_alpha   90.00
_cell.angle_beta   90.00
_cell.angle_gamma   90.00
#
_symmetry.space_group_name_H-M   'C 2 2 21'
#
loop_
_entity.id
_entity.type
_entity.pdbx_description
1 polymer 'DIHYDROFOLATE REDUCTASE'
2 non-polymer 'NADPH DIHYDRO-NICOTINAMIDE-ADENINE-DINUCLEOTIDE PHOSPHATE'
3 non-polymer 2,4-DIAMINO-5-(1-O-CARBORANYLMETHYL)-6-METHYLPYRIMIDINE
4 non-polymer GLYCEROL
5 water water
#
_entity_poly.entity_id   1
_entity_poly.type   'polypeptide(L)'
_entity_poly.pdbx_seq_one_letter_code
;VGSLNCIVAVSQNMGIGKNGDLPWPPLRNEFRYFQRMTTTSSVEGKQNLVIMGKKTWFSIPEKNRPLKGRINLVLSRELK
EPPQGAHFLSRSLDDALKLTEQPELANKVDMVWIVGGSSVYKEAMNHPGHLKLFVTRIMQDFESDTFFPEIDLEKYKLLP
EYPGVLSDVQEEKGIKYKFEVYEKND
;
_entity_poly.pdbx_strand_id   A,B
#
loop_
_chem_comp.id
_chem_comp.type
_chem_comp.name
_chem_comp.formula
34B non-polymer 2,4-DIAMINO-5-(1-O-CARBORANYLMETHYL)-6-METHYLPYRIMIDINE 'C8 H20 B10 N4'
GOL non-polymer GLYCEROL 'C3 H8 O3'
NDP non-polymer 'NADPH DIHYDRO-NICOTINAMIDE-ADENINE-DINUCLEOTIDE PHOSPHATE' 'C21 H30 N7 O17 P3'
#
# COMPACT_ATOMS: atom_id res chain seq x y z
N VAL A 1 -25.79 1.39 -18.25
CA VAL A 1 -24.81 0.47 -18.94
C VAL A 1 -25.35 -0.96 -18.96
N GLY A 2 -25.44 -1.53 -20.17
CA GLY A 2 -26.14 -2.80 -20.38
C GLY A 2 -25.22 -3.99 -20.21
N SER A 3 -23.93 -3.72 -20.12
CA SER A 3 -22.98 -4.80 -19.94
C SER A 3 -21.68 -4.29 -19.36
N LEU A 4 -21.02 -5.19 -18.65
CA LEU A 4 -19.76 -4.90 -18.07
C LEU A 4 -18.74 -5.97 -18.48
N ASN A 5 -17.45 -5.68 -18.38
CA ASN A 5 -16.41 -6.72 -18.52
C ASN A 5 -15.43 -6.68 -17.36
N CYS A 6 -15.01 -7.83 -16.85
CA CYS A 6 -13.90 -7.93 -15.91
C CYS A 6 -12.71 -8.56 -16.63
N ILE A 7 -11.51 -8.19 -16.26
CA ILE A 7 -10.30 -8.83 -16.80
C ILE A 7 -9.28 -8.99 -15.69
N VAL A 8 -8.76 -10.21 -15.60
CA VAL A 8 -7.86 -10.61 -14.54
C VAL A 8 -6.90 -11.70 -15.04
N ALA A 9 -5.74 -11.81 -14.41
CA ALA A 9 -4.82 -12.94 -14.50
C ALA A 9 -4.68 -13.57 -13.10
N VAL A 10 -4.86 -14.90 -13.02
N VAL A 10 -4.78 -14.90 -13.01
CA VAL A 10 -4.97 -15.61 -11.75
CA VAL A 10 -4.93 -15.53 -11.72
C VAL A 10 -4.09 -16.84 -11.75
C VAL A 10 -4.22 -16.88 -11.69
N SER A 11 -3.45 -17.14 -10.63
CA SER A 11 -2.71 -18.38 -10.50
C SER A 11 -3.64 -19.53 -10.11
N GLN A 12 -3.08 -20.75 -10.09
CA GLN A 12 -3.81 -21.97 -9.81
C GLN A 12 -4.46 -21.93 -8.42
N ASN A 13 -3.77 -21.30 -7.47
CA ASN A 13 -4.26 -21.08 -6.09
C ASN A 13 -5.05 -19.78 -5.90
N MET A 14 -5.55 -19.26 -7.03
CA MET A 14 -6.42 -18.09 -7.11
C MET A 14 -5.79 -16.75 -6.76
N GLY A 15 -4.46 -16.69 -6.80
CA GLY A 15 -3.78 -15.48 -6.45
C GLY A 15 -3.74 -14.46 -7.58
N ILE A 16 -3.89 -13.18 -7.24
CA ILE A 16 -3.74 -12.10 -8.19
C ILE A 16 -2.69 -11.08 -7.80
N GLY A 17 -2.24 -11.09 -6.56
CA GLY A 17 -1.27 -10.10 -6.14
C GLY A 17 -0.41 -10.58 -4.98
N LYS A 18 0.76 -9.96 -4.86
CA LYS A 18 1.71 -10.20 -3.78
C LYS A 18 2.55 -8.94 -3.60
N ASN A 19 2.56 -8.39 -2.40
CA ASN A 19 3.39 -7.24 -2.07
C ASN A 19 3.18 -6.06 -3.04
N GLY A 20 1.93 -5.85 -3.46
CA GLY A 20 1.60 -4.69 -4.28
C GLY A 20 1.93 -4.85 -5.76
N ASP A 21 2.23 -6.09 -6.17
CA ASP A 21 2.61 -6.41 -7.55
C ASP A 21 2.06 -7.78 -7.94
N LEU A 22 2.41 -8.31 -9.11
CA LEU A 22 1.95 -9.64 -9.52
C LEU A 22 2.72 -10.72 -8.76
N PRO A 23 2.07 -11.86 -8.52
CA PRO A 23 2.78 -12.97 -7.88
C PRO A 23 3.84 -13.67 -8.75
N TRP A 24 3.71 -13.55 -10.07
CA TRP A 24 4.59 -14.20 -11.03
C TRP A 24 5.44 -13.10 -11.71
N PRO A 25 6.53 -13.51 -12.38
CA PRO A 25 7.30 -12.54 -13.16
C PRO A 25 6.46 -11.93 -14.31
N PRO A 26 6.81 -10.72 -14.78
CA PRO A 26 5.97 -10.07 -15.78
C PRO A 26 5.99 -10.85 -17.08
N LEU A 27 4.81 -10.99 -17.65
CA LEU A 27 4.61 -11.74 -18.90
C LEU A 27 4.16 -10.73 -19.96
N ARG A 28 5.04 -10.47 -20.92
CA ARG A 28 4.87 -9.36 -21.84
C ARG A 28 3.63 -9.48 -22.71
N ASN A 29 3.45 -10.64 -23.34
CA ASN A 29 2.32 -10.82 -24.24
C ASN A 29 0.99 -10.93 -23.46
N GLU A 30 1.06 -11.36 -22.21
CA GLU A 30 -0.12 -11.38 -21.36
C GLU A 30 -0.58 -9.96 -21.06
N PHE A 31 0.39 -9.10 -20.76
CA PHE A 31 0.17 -7.68 -20.60
C PHE A 31 -0.36 -7.04 -21.87
N ARG A 32 0.25 -7.40 -22.99
CA ARG A 32 -0.22 -6.85 -24.27
C ARG A 32 -1.67 -7.27 -24.59
N TYR A 33 -2.05 -8.47 -24.17
CA TYR A 33 -3.44 -8.91 -24.27
C TYR A 33 -4.38 -8.06 -23.43
N PHE A 34 -4.02 -7.83 -22.18
CA PHE A 34 -4.74 -6.90 -21.34
C PHE A 34 -4.89 -5.54 -22.02
N GLN A 35 -3.80 -5.03 -22.59
CA GLN A 35 -3.84 -3.71 -23.27
C GLN A 35 -4.78 -3.74 -24.45
N ARG A 36 -4.67 -4.78 -25.28
CA ARG A 36 -5.48 -4.87 -26.49
C ARG A 36 -6.95 -4.95 -26.13
N MET A 37 -7.28 -5.84 -25.19
CA MET A 37 -8.69 -6.01 -24.82
C MET A 37 -9.33 -4.79 -24.21
N THR A 38 -8.62 -4.13 -23.32
CA THR A 38 -9.21 -3.00 -22.61
C THR A 38 -9.17 -1.71 -23.47
N THR A 39 -8.24 -1.60 -24.42
CA THR A 39 -8.07 -0.35 -25.18
C THR A 39 -8.90 -0.31 -26.45
N THR A 40 -9.08 -1.48 -27.08
CA THR A 40 -9.66 -1.52 -28.41
C THR A 40 -11.14 -1.18 -28.42
N SER A 41 -11.49 -0.16 -29.21
CA SER A 41 -12.86 0.19 -29.54
C SER A 41 -12.88 0.62 -31.00
N SER A 42 -13.73 -0.01 -31.79
CA SER A 42 -13.97 0.43 -33.19
C SER A 42 -15.12 1.44 -33.34
N VAL A 43 -15.62 2.00 -32.23
CA VAL A 43 -16.66 3.02 -32.27
C VAL A 43 -15.99 4.38 -32.30
N GLU A 44 -16.07 5.00 -33.46
CA GLU A 44 -15.46 6.30 -33.66
C GLU A 44 -16.00 7.32 -32.68
N GLY A 45 -15.10 8.10 -32.10
CA GLY A 45 -15.48 9.14 -31.16
C GLY A 45 -15.55 8.76 -29.70
N LYS A 46 -15.36 7.47 -29.41
CA LYS A 46 -15.47 6.93 -28.07
C LYS A 46 -14.18 6.22 -27.67
N GLN A 47 -14.03 6.09 -26.35
CA GLN A 47 -12.94 5.33 -25.74
C GLN A 47 -13.55 4.35 -24.73
N ASN A 48 -12.82 3.31 -24.36
CA ASN A 48 -13.24 2.46 -23.28
C ASN A 48 -12.87 3.07 -21.95
N LEU A 49 -13.60 2.66 -20.91
CA LEU A 49 -13.44 3.11 -19.52
C LEU A 49 -12.87 1.94 -18.71
N VAL A 50 -11.80 2.18 -17.96
CA VAL A 50 -11.29 1.19 -17.00
C VAL A 50 -11.60 1.70 -15.60
N ILE A 51 -12.14 0.79 -14.79
CA ILE A 51 -12.50 1.05 -13.41
C ILE A 51 -11.58 0.21 -12.54
N MET A 52 -11.01 0.82 -11.51
CA MET A 52 -10.11 0.08 -10.62
C MET A 52 -10.16 0.64 -9.20
N GLY A 53 -9.75 -0.18 -8.22
CA GLY A 53 -9.56 0.27 -6.86
C GLY A 53 -8.29 1.09 -6.69
N LYS A 54 -8.16 1.69 -5.51
CA LYS A 54 -7.07 2.63 -5.23
C LYS A 54 -5.70 1.94 -5.21
N LYS A 55 -5.64 0.75 -4.60
CA LYS A 55 -4.39 0.02 -4.55
C LYS A 55 -3.93 -0.42 -5.93
N THR A 56 -4.88 -0.84 -6.76
CA THR A 56 -4.55 -1.20 -8.13
C THR A 56 -3.99 0.03 -8.87
N TRP A 57 -4.62 1.19 -8.71
CA TRP A 57 -4.10 2.43 -9.32
C TRP A 57 -2.63 2.65 -8.94
N PHE A 58 -2.31 2.60 -7.66
CA PHE A 58 -0.94 2.92 -7.24
C PHE A 58 0.02 1.78 -7.54
N SER A 59 -0.49 0.63 -7.94
CA SER A 59 0.36 -0.46 -8.40
C SER A 59 0.84 -0.26 -9.84
N ILE A 60 0.23 0.67 -10.56
CA ILE A 60 0.66 1.01 -11.93
C ILE A 60 1.86 1.97 -11.82
N PRO A 61 2.95 1.71 -12.56
CA PRO A 61 4.10 2.64 -12.56
C PRO A 61 3.66 4.04 -12.95
N GLU A 62 4.20 5.04 -12.27
CA GLU A 62 3.83 6.45 -12.50
C GLU A 62 3.85 6.80 -13.95
N LYS A 63 4.90 6.36 -14.64
CA LYS A 63 5.08 6.73 -16.04
C LYS A 63 4.02 6.12 -16.93
N ASN A 64 3.30 5.10 -16.45
CA ASN A 64 2.24 4.45 -17.23
C ASN A 64 0.80 4.84 -16.80
N ARG A 65 0.68 5.75 -15.82
CA ARG A 65 -0.61 6.28 -15.35
C ARG A 65 -0.85 7.66 -15.95
N PRO A 66 -2.08 7.95 -16.42
CA PRO A 66 -3.21 6.99 -16.54
C PRO A 66 -2.95 5.96 -17.65
N LEU A 67 -3.64 4.82 -17.62
CA LEU A 67 -3.52 3.82 -18.70
C LEU A 67 -3.89 4.54 -20.02
N LYS A 68 -2.98 4.55 -21.00
CA LYS A 68 -3.15 5.35 -22.19
C LYS A 68 -4.31 4.87 -23.04
N GLY A 69 -4.95 5.80 -23.73
CA GLY A 69 -6.03 5.46 -24.65
C GLY A 69 -7.36 5.02 -24.03
N ARG A 70 -7.47 5.10 -22.70
CA ARG A 70 -8.66 4.67 -21.93
C ARG A 70 -8.95 5.74 -20.89
N ILE A 71 -10.24 5.95 -20.61
CA ILE A 71 -10.67 6.84 -19.52
C ILE A 71 -10.46 6.05 -18.23
N ASN A 72 -9.72 6.63 -17.28
CA ASN A 72 -9.36 5.93 -16.05
C ASN A 72 -10.17 6.45 -14.87
N LEU A 73 -10.92 5.56 -14.23
CA LEU A 73 -11.79 5.90 -13.12
C LEU A 73 -11.38 5.06 -11.91
N VAL A 74 -11.15 5.75 -10.78
CA VAL A 74 -10.71 5.05 -9.59
C VAL A 74 -11.87 5.04 -8.60
N LEU A 75 -12.07 3.91 -7.93
CA LEU A 75 -13.04 3.83 -6.87
C LEU A 75 -12.37 4.08 -5.52
N SER A 76 -12.94 4.97 -4.72
CA SER A 76 -12.50 5.17 -3.34
C SER A 76 -13.63 5.77 -2.51
N ARG A 77 -13.75 5.33 -1.27
CA ARG A 77 -14.71 5.94 -0.33
C ARG A 77 -14.08 7.10 0.43
N GLU A 78 -12.76 7.24 0.32
CA GLU A 78 -12.03 8.20 1.16
C GLU A 78 -11.48 9.41 0.40
N LEU A 79 -11.09 9.23 -0.87
CA LEU A 79 -10.53 10.35 -1.63
C LEU A 79 -11.61 11.34 -1.95
N LYS A 80 -11.24 12.61 -2.04
CA LYS A 80 -12.21 13.63 -2.42
C LYS A 80 -12.14 13.96 -3.89
N GLU A 81 -10.97 13.74 -4.49
CA GLU A 81 -10.75 13.94 -5.90
C GLU A 81 -9.90 12.78 -6.46
N PRO A 82 -9.90 12.60 -7.78
CA PRO A 82 -9.16 11.47 -8.32
C PRO A 82 -7.68 11.57 -7.96
N PRO A 83 -6.98 10.43 -7.81
CA PRO A 83 -5.53 10.51 -7.60
C PRO A 83 -4.87 11.18 -8.80
N GLN A 84 -3.72 11.80 -8.61
CA GLN A 84 -3.12 12.60 -9.68
C GLN A 84 -2.89 11.77 -10.93
N GLY A 85 -3.45 12.23 -12.06
CA GLY A 85 -3.34 11.52 -13.33
C GLY A 85 -4.62 10.80 -13.74
N ALA A 86 -5.45 10.43 -12.75
CA ALA A 86 -6.70 9.75 -13.03
C ALA A 86 -7.74 10.74 -13.52
N HIS A 87 -8.68 10.26 -14.33
CA HIS A 87 -9.68 11.14 -14.91
C HIS A 87 -10.91 11.38 -14.06
N PHE A 88 -11.35 10.35 -13.31
CA PHE A 88 -12.59 10.38 -12.52
C PHE A 88 -12.46 9.53 -11.28
N LEU A 89 -13.31 9.86 -10.31
CA LEU A 89 -13.38 9.18 -9.03
C LEU A 89 -14.84 8.90 -8.71
N SER A 90 -15.15 7.68 -8.26
CA SER A 90 -16.48 7.35 -7.74
C SER A 90 -16.41 6.55 -6.44
N ARG A 91 -17.50 6.59 -5.67
CA ARG A 91 -17.59 5.87 -4.39
C ARG A 91 -18.02 4.41 -4.54
N SER A 92 -18.59 4.07 -5.69
CA SER A 92 -19.10 2.71 -5.94
C SER A 92 -19.15 2.44 -7.41
N LEU A 93 -19.26 1.15 -7.78
CA LEU A 93 -19.48 0.76 -9.17
C LEU A 93 -20.75 1.38 -9.74
N ASP A 94 -21.86 1.26 -9.01
CA ASP A 94 -23.12 1.82 -9.53
C ASP A 94 -22.99 3.32 -9.79
N ASP A 95 -22.32 4.05 -8.90
CA ASP A 95 -22.06 5.49 -9.08
C ASP A 95 -21.21 5.73 -10.33
N ALA A 96 -20.17 4.90 -10.48
CA ALA A 96 -19.32 4.92 -11.66
C ALA A 96 -20.13 4.75 -12.93
N LEU A 97 -21.02 3.77 -12.95
CA LEU A 97 -21.81 3.51 -14.17
C LEU A 97 -22.79 4.64 -14.47
N LYS A 98 -23.36 5.28 -13.44
CA LYS A 98 -24.23 6.45 -13.64
C LYS A 98 -23.47 7.65 -14.18
N LEU A 99 -22.22 7.78 -13.75
CA LEU A 99 -21.37 8.89 -14.18
C LEU A 99 -21.20 8.88 -15.70
N THR A 100 -21.13 7.69 -16.28
CA THR A 100 -20.86 7.56 -17.72
C THR A 100 -22.00 8.14 -18.58
N GLU A 101 -23.19 8.33 -17.97
CA GLU A 101 -24.37 8.82 -18.69
C GLU A 101 -24.69 10.27 -18.43
N GLN A 102 -23.86 10.93 -17.64
CA GLN A 102 -24.03 12.37 -17.46
C GLN A 102 -23.39 13.05 -18.66
N PRO A 103 -23.68 14.36 -18.85
CA PRO A 103 -23.26 15.02 -20.08
C PRO A 103 -21.78 14.91 -20.47
N GLU A 104 -20.85 15.00 -19.52
CA GLU A 104 -19.44 14.97 -19.88
C GLU A 104 -19.09 13.66 -20.60
N LEU A 105 -19.52 12.52 -20.03
CA LEU A 105 -19.15 11.20 -20.55
C LEU A 105 -20.17 10.57 -21.50
N ALA A 106 -21.35 11.20 -21.62
CA ALA A 106 -22.49 10.62 -22.34
C ALA A 106 -22.16 10.01 -23.70
N ASN A 107 -21.44 10.78 -24.50
CA ASN A 107 -21.16 10.39 -25.85
C ASN A 107 -19.72 9.97 -26.00
N LYS A 108 -19.09 9.55 -24.90
CA LYS A 108 -17.63 9.37 -24.89
C LYS A 108 -17.16 7.97 -24.57
N VAL A 109 -17.99 7.15 -23.94
CA VAL A 109 -17.60 5.83 -23.43
C VAL A 109 -18.21 4.74 -24.26
N ASP A 110 -17.35 3.80 -24.70
CA ASP A 110 -17.80 2.57 -25.29
C ASP A 110 -17.88 1.44 -24.24
N MET A 111 -16.86 0.61 -24.17
CA MET A 111 -16.87 -0.53 -23.26
C MET A 111 -16.40 -0.14 -21.87
N VAL A 112 -16.94 -0.84 -20.86
CA VAL A 112 -16.47 -0.69 -19.47
C VAL A 112 -15.76 -1.95 -18.99
N TRP A 113 -14.55 -1.77 -18.48
CA TRP A 113 -13.66 -2.86 -18.06
C TRP A 113 -13.27 -2.66 -16.62
N ILE A 114 -13.52 -3.66 -15.79
CA ILE A 114 -13.11 -3.69 -14.40
C ILE A 114 -11.75 -4.40 -14.34
N VAL A 115 -10.74 -3.74 -13.77
CA VAL A 115 -9.39 -4.25 -13.85
C VAL A 115 -8.74 -4.56 -12.51
N GLY A 116 -9.56 -4.61 -11.45
CA GLY A 116 -9.12 -5.06 -10.11
C GLY A 116 -9.24 -3.97 -9.08
N GLY A 117 -9.04 -4.27 -7.81
CA GLY A 117 -8.68 -5.59 -7.28
C GLY A 117 -9.85 -6.39 -6.74
N SER A 118 -9.58 -7.16 -5.70
CA SER A 118 -10.49 -8.22 -5.24
C SER A 118 -11.90 -7.72 -5.00
N SER A 119 -12.02 -6.58 -4.31
CA SER A 119 -13.33 -6.06 -3.90
C SER A 119 -14.10 -5.50 -5.06
N VAL A 120 -13.38 -4.99 -6.05
CA VAL A 120 -14.02 -4.45 -7.24
C VAL A 120 -14.55 -5.61 -8.11
N TYR A 121 -13.76 -6.67 -8.22
CA TYR A 121 -14.19 -7.86 -8.93
C TYR A 121 -15.40 -8.47 -8.27
N LYS A 122 -15.37 -8.58 -6.95
CA LYS A 122 -16.48 -9.19 -6.20
C LYS A 122 -17.81 -8.51 -6.50
N GLU A 123 -17.80 -7.18 -6.43
CA GLU A 123 -18.97 -6.35 -6.68
C GLU A 123 -19.42 -6.44 -8.14
N ALA A 124 -18.47 -6.31 -9.05
CA ALA A 124 -18.80 -6.36 -10.48
C ALA A 124 -19.47 -7.68 -10.84
N MET A 125 -18.93 -8.77 -10.30
CA MET A 125 -19.41 -10.11 -10.61
C MET A 125 -20.82 -10.42 -10.14
N ASN A 126 -21.31 -9.63 -9.20
CA ASN A 126 -22.69 -9.73 -8.72
C ASN A 126 -23.59 -8.65 -9.27
N HIS A 127 -23.06 -7.75 -10.10
CA HIS A 127 -23.84 -6.68 -10.69
C HIS A 127 -24.89 -7.33 -11.61
N PRO A 128 -26.15 -6.81 -11.60
CA PRO A 128 -27.16 -7.40 -12.47
C PRO A 128 -26.85 -7.29 -13.96
N GLY A 129 -27.27 -8.29 -14.72
CA GLY A 129 -27.29 -8.18 -16.17
C GLY A 129 -26.15 -8.92 -16.83
N HIS A 130 -25.88 -8.58 -18.08
CA HIS A 130 -24.82 -9.25 -18.83
C HIS A 130 -23.42 -8.79 -18.37
N LEU A 131 -22.54 -9.76 -18.15
CA LEU A 131 -21.18 -9.49 -17.71
C LEU A 131 -20.32 -10.59 -18.25
N LYS A 132 -19.16 -10.21 -18.75
CA LYS A 132 -18.13 -11.18 -19.14
C LYS A 132 -16.90 -11.07 -18.26
N LEU A 133 -16.30 -12.22 -18.00
CA LEU A 133 -15.05 -12.33 -17.26
C LEU A 133 -13.98 -12.88 -18.18
N PHE A 134 -12.95 -12.07 -18.44
CA PHE A 134 -11.81 -12.47 -19.24
C PHE A 134 -10.73 -12.87 -18.23
N VAL A 135 -10.53 -14.17 -18.09
CA VAL A 135 -9.70 -14.74 -17.02
C VAL A 135 -8.52 -15.47 -17.66
N THR A 136 -7.31 -15.01 -17.35
CA THR A 136 -6.09 -15.70 -17.77
C THR A 136 -5.68 -16.64 -16.64
N ARG A 137 -5.72 -17.94 -16.91
CA ARG A 137 -5.35 -18.96 -15.98
C ARG A 137 -3.84 -19.21 -16.07
N ILE A 138 -3.10 -18.71 -15.07
CA ILE A 138 -1.65 -18.96 -14.95
C ILE A 138 -1.54 -20.34 -14.33
N MET A 139 -0.97 -21.28 -15.08
CA MET A 139 -1.05 -22.70 -14.75
C MET A 139 0.04 -23.19 -13.79
N GLN A 140 0.19 -22.45 -12.71
CA GLN A 140 1.11 -22.80 -11.61
C GLN A 140 0.63 -22.14 -10.35
N ASP A 141 1.13 -22.60 -9.21
CA ASP A 141 0.87 -21.95 -7.93
C ASP A 141 1.90 -20.86 -7.74
N PHE A 142 1.48 -19.74 -7.18
CA PHE A 142 2.41 -18.70 -6.76
C PHE A 142 1.97 -18.14 -5.41
N GLU A 143 2.92 -17.88 -4.52
CA GLU A 143 2.63 -17.25 -3.25
C GLU A 143 1.97 -15.93 -3.49
N SER A 144 0.84 -15.69 -2.84
CA SER A 144 -0.02 -14.54 -3.08
C SER A 144 -0.60 -14.05 -1.75
N ASP A 145 -0.92 -12.77 -1.69
CA ASP A 145 -1.60 -12.18 -0.53
C ASP A 145 -2.94 -11.48 -0.92
N THR A 146 -3.35 -11.59 -2.18
CA THR A 146 -4.58 -11.04 -2.72
C THR A 146 -5.11 -12.06 -3.71
N PHE A 147 -6.42 -12.31 -3.68
CA PHE A 147 -7.03 -13.47 -4.35
C PHE A 147 -8.27 -13.08 -5.12
N PHE A 148 -8.52 -13.83 -6.19
CA PHE A 148 -9.71 -13.58 -7.02
C PHE A 148 -10.87 -14.30 -6.40
N PRO A 149 -12.05 -13.64 -6.28
CA PRO A 149 -13.21 -14.28 -5.70
C PRO A 149 -13.65 -15.50 -6.53
N GLU A 150 -14.33 -16.43 -5.88
CA GLU A 150 -14.82 -17.64 -6.56
C GLU A 150 -15.79 -17.30 -7.69
N ILE A 151 -15.65 -18.01 -8.82
CA ILE A 151 -16.61 -17.89 -9.95
C ILE A 151 -17.80 -18.83 -9.72
N ASP A 152 -18.99 -18.24 -9.60
CA ASP A 152 -20.23 -18.98 -9.32
C ASP A 152 -20.72 -19.60 -10.63
N LEU A 153 -20.51 -20.89 -10.80
CA LEU A 153 -20.93 -21.60 -12.04
C LEU A 153 -22.44 -21.81 -12.24
N GLU A 154 -23.23 -21.53 -11.22
CA GLU A 154 -24.67 -21.36 -11.39
C GLU A 154 -25.01 -20.10 -12.21
N LYS A 155 -24.10 -19.12 -12.19
CA LYS A 155 -24.30 -17.86 -12.87
C LYS A 155 -23.48 -17.76 -14.15
N TYR A 156 -22.23 -18.17 -14.07
CA TYR A 156 -21.28 -18.04 -15.18
C TYR A 156 -21.07 -19.33 -15.96
N LYS A 157 -20.93 -19.17 -17.26
CA LYS A 157 -20.70 -20.24 -18.22
C LYS A 157 -19.34 -19.98 -18.85
N LEU A 158 -18.48 -21.00 -18.88
CA LEU A 158 -17.24 -20.94 -19.66
C LEU A 158 -17.57 -21.01 -21.15
N LEU A 159 -17.21 -19.98 -21.89
CA LEU A 159 -17.50 -19.96 -23.32
C LEU A 159 -16.46 -20.86 -23.98
N PRO A 160 -16.88 -21.63 -24.99
CA PRO A 160 -15.92 -22.58 -25.57
C PRO A 160 -14.81 -21.86 -26.38
N GLU A 161 -15.15 -20.71 -26.93
CA GLU A 161 -14.20 -19.82 -27.58
C GLU A 161 -14.80 -18.43 -27.67
N TYR A 162 -13.97 -17.47 -28.06
CA TYR A 162 -14.41 -16.11 -28.16
C TYR A 162 -13.62 -15.48 -29.27
N PRO A 163 -14.30 -14.75 -30.16
CA PRO A 163 -13.54 -14.16 -31.28
C PRO A 163 -12.42 -13.24 -30.81
N GLY A 164 -11.24 -13.41 -31.43
CA GLY A 164 -10.07 -12.61 -31.07
C GLY A 164 -9.31 -13.07 -29.84
N VAL A 165 -9.75 -14.15 -29.21
CA VAL A 165 -9.05 -14.73 -28.06
C VAL A 165 -8.47 -16.09 -28.45
N LEU A 166 -7.16 -16.27 -28.24
CA LEU A 166 -6.47 -17.53 -28.55
C LEU A 166 -6.96 -18.64 -27.63
N SER A 167 -7.10 -19.84 -28.19
CA SER A 167 -7.63 -21.01 -27.46
C SER A 167 -6.57 -21.95 -26.87
N ASP A 168 -5.41 -21.99 -27.52
CA ASP A 168 -4.36 -22.90 -27.08
C ASP A 168 -3.60 -22.42 -25.84
N VAL A 169 -2.92 -23.35 -25.16
CA VAL A 169 -2.03 -22.99 -24.06
C VAL A 169 -0.91 -22.11 -24.62
N GLN A 170 -0.66 -20.99 -23.91
CA GLN A 170 0.42 -20.04 -24.19
C GLN A 170 1.59 -20.30 -23.24
N GLU A 171 2.79 -19.85 -23.60
CA GLU A 171 3.92 -19.99 -22.68
C GLU A 171 4.86 -18.81 -22.86
N GLU A 172 5.20 -18.14 -21.76
CA GLU A 172 6.18 -17.04 -21.80
C GLU A 172 7.08 -17.22 -20.59
N LYS A 173 8.38 -17.02 -20.76
CA LYS A 173 9.35 -17.16 -19.66
C LYS A 173 9.19 -18.47 -18.89
N GLY A 174 8.86 -19.54 -19.61
CA GLY A 174 8.69 -20.85 -19.01
C GLY A 174 7.42 -21.05 -18.20
N ILE A 175 6.49 -20.09 -18.27
CA ILE A 175 5.22 -20.13 -17.53
C ILE A 175 4.07 -20.35 -18.50
N LYS A 176 3.32 -21.43 -18.30
CA LYS A 176 2.15 -21.74 -19.12
C LYS A 176 0.92 -21.03 -18.61
N TYR A 177 0.09 -20.57 -19.55
CA TYR A 177 -1.18 -19.99 -19.20
C TYR A 177 -2.19 -20.13 -20.33
N LYS A 178 -3.47 -19.94 -20.03
CA LYS A 178 -4.48 -19.93 -21.06
C LYS A 178 -5.50 -18.82 -20.82
N PHE A 179 -6.07 -18.36 -21.91
CA PHE A 179 -7.09 -17.31 -21.87
C PHE A 179 -8.50 -17.96 -21.88
N GLU A 180 -9.30 -17.61 -20.89
CA GLU A 180 -10.69 -18.06 -20.79
C GLU A 180 -11.64 -16.85 -20.82
N VAL A 181 -12.86 -17.09 -21.28
CA VAL A 181 -13.93 -16.09 -21.22
C VAL A 181 -15.18 -16.76 -20.65
N TYR A 182 -15.73 -16.17 -19.58
CA TYR A 182 -16.97 -16.60 -18.94
C TYR A 182 -18.03 -15.54 -19.17
N GLU A 183 -19.29 -15.94 -19.15
CA GLU A 183 -20.37 -14.96 -19.26
C GLU A 183 -21.54 -15.33 -18.37
N LYS A 184 -22.22 -14.32 -17.84
CA LYS A 184 -23.56 -14.52 -17.24
C LYS A 184 -24.51 -13.55 -17.91
N ASN A 185 -25.81 -13.80 -17.78
CA ASN A 185 -26.79 -13.05 -18.54
C ASN A 185 -27.83 -12.36 -17.67
N ASP A 186 -28.09 -12.93 -16.50
CA ASP A 186 -28.97 -12.33 -15.50
C ASP A 186 -28.15 -11.90 -14.30
N VAL B 1 17.16 20.64 9.58
CA VAL B 1 17.09 19.16 9.44
C VAL B 1 16.50 18.78 8.07
N GLY B 2 17.32 18.17 7.21
CA GLY B 2 16.97 17.97 5.80
C GLY B 2 16.22 16.68 5.51
N SER B 3 16.08 15.86 6.54
CA SER B 3 15.33 14.61 6.38
C SER B 3 14.86 14.15 7.73
N LEU B 4 13.74 13.46 7.74
CA LEU B 4 13.25 12.87 8.97
C LEU B 4 13.07 11.40 8.67
N ASN B 5 13.01 10.59 9.72
CA ASN B 5 12.72 9.15 9.62
C ASN B 5 11.65 8.76 10.62
N CYS B 6 10.74 7.90 10.21
CA CYS B 6 9.84 7.24 11.16
C CYS B 6 10.17 5.76 11.21
N ILE B 7 9.99 5.12 12.36
CA ILE B 7 10.21 3.67 12.48
C ILE B 7 9.12 3.08 13.38
N VAL B 8 8.53 2.01 12.87
CA VAL B 8 7.35 1.38 13.48
C VAL B 8 7.33 -0.11 13.14
N ALA B 9 6.72 -0.92 14.01
CA ALA B 9 6.36 -2.31 13.70
C ALA B 9 4.85 -2.38 13.82
N VAL B 10 4.21 -2.99 12.82
CA VAL B 10 2.76 -2.96 12.69
C VAL B 10 2.22 -4.32 12.23
N SER B 11 1.11 -4.73 12.84
CA SER B 11 0.43 -6.00 12.47
C SER B 11 -0.40 -5.85 11.20
N GLN B 12 -0.88 -6.97 10.67
CA GLN B 12 -1.62 -6.96 9.40
C GLN B 12 -2.84 -6.09 9.47
N ASN B 13 -3.46 -6.06 10.66
CA ASN B 13 -4.67 -5.24 10.93
C ASN B 13 -4.30 -3.82 11.43
N MET B 14 -3.07 -3.40 11.14
CA MET B 14 -2.56 -2.04 11.40
C MET B 14 -2.33 -1.70 12.87
N GLY B 15 -2.26 -2.71 13.72
CA GLY B 15 -2.04 -2.52 15.14
C GLY B 15 -0.59 -2.22 15.51
N ILE B 16 -0.40 -1.29 16.44
CA ILE B 16 0.92 -1.00 17.00
C ILE B 16 0.98 -1.13 18.52
N GLY B 17 -0.16 -1.18 19.23
CA GLY B 17 -0.17 -1.24 20.66
C GLY B 17 -1.40 -1.93 21.22
N LYS B 18 -1.26 -2.50 22.41
CA LYS B 18 -2.37 -3.13 23.13
C LYS B 18 -2.06 -2.98 24.62
N ASN B 19 -2.95 -2.30 25.35
CA ASN B 19 -2.83 -2.18 26.81
C ASN B 19 -1.44 -1.67 27.24
N GLY B 20 -0.95 -0.68 26.53
CA GLY B 20 0.31 -0.02 26.92
C GLY B 20 1.59 -0.77 26.60
N ASP B 21 1.47 -1.84 25.83
CA ASP B 21 2.64 -2.61 25.37
C ASP B 21 2.39 -3.02 23.91
N LEU B 22 3.27 -3.83 23.36
CA LEU B 22 3.11 -4.31 21.98
C LEU B 22 2.02 -5.37 21.89
N PRO B 23 1.31 -5.47 20.74
CA PRO B 23 0.27 -6.51 20.59
C PRO B 23 0.76 -7.95 20.49
N TRP B 24 2.03 -8.11 20.12
CA TRP B 24 2.65 -9.42 19.90
C TRP B 24 3.73 -9.65 20.98
N PRO B 25 4.13 -10.93 21.18
N PRO B 25 4.15 -10.91 21.15
CA PRO B 25 5.23 -11.17 22.10
CA PRO B 25 5.23 -11.17 22.10
C PRO B 25 6.53 -10.49 21.64
C PRO B 25 6.54 -10.50 21.64
N PRO B 26 7.49 -10.30 22.57
CA PRO B 26 8.74 -9.63 22.21
C PRO B 26 9.54 -10.38 21.14
N LEU B 27 10.05 -9.61 20.17
CA LEU B 27 10.81 -10.16 19.07
C LEU B 27 12.19 -9.51 19.19
N ARG B 28 13.14 -10.30 19.66
CA ARG B 28 14.46 -9.77 20.00
C ARG B 28 15.18 -9.14 18.83
N ASN B 29 15.24 -9.82 17.69
CA ASN B 29 15.98 -9.30 16.56
C ASN B 29 15.28 -8.11 15.95
N GLU B 30 13.96 -8.07 16.04
CA GLU B 30 13.19 -6.93 15.54
C GLU B 30 13.53 -5.70 16.40
N PHE B 31 13.54 -5.89 17.71
CA PHE B 31 14.03 -4.86 18.62
C PHE B 31 15.49 -4.42 18.30
N ARG B 32 16.39 -5.37 18.02
CA ARG B 32 17.76 -5.03 17.72
C ARG B 32 17.89 -4.21 16.44
N TYR B 33 16.99 -4.45 15.47
CA TYR B 33 16.94 -3.69 14.23
C TYR B 33 16.57 -2.23 14.56
N PHE B 34 15.53 -2.06 15.36
CA PHE B 34 15.13 -0.73 15.82
C PHE B 34 16.31 -0.05 16.49
N GLN B 35 17.00 -0.76 17.38
CA GLN B 35 18.13 -0.20 18.12
C GLN B 35 19.23 0.24 17.14
N ARG B 36 19.54 -0.62 16.16
CA ARG B 36 20.60 -0.32 15.20
C ARG B 36 20.24 0.90 14.37
N MET B 37 19.03 0.91 13.82
CA MET B 37 18.64 1.99 12.93
C MET B 37 18.62 3.32 13.66
N THR B 38 18.02 3.34 14.84
CA THR B 38 17.87 4.62 15.58
C THR B 38 19.17 5.09 16.23
N THR B 39 20.10 4.19 16.57
CA THR B 39 21.31 4.60 17.28
C THR B 39 22.46 4.98 16.34
N THR B 40 22.50 4.35 15.15
CA THR B 40 23.66 4.53 14.27
C THR B 40 23.68 5.90 13.60
N SER B 41 24.70 6.67 13.95
CA SER B 41 24.93 8.00 13.38
C SER B 41 25.91 7.89 12.23
N SER B 42 25.81 8.78 11.24
CA SER B 42 26.79 8.93 10.17
C SER B 42 27.94 9.90 10.56
N VAL B 43 27.67 10.76 11.52
CA VAL B 43 28.54 11.85 11.83
C VAL B 43 29.20 11.52 13.16
N GLU B 44 30.48 11.17 13.10
CA GLU B 44 31.28 10.99 14.33
C GLU B 44 31.10 12.23 15.20
N GLY B 45 30.87 12.05 16.51
CA GLY B 45 30.70 13.18 17.42
C GLY B 45 29.27 13.71 17.61
N LYS B 46 28.31 13.09 16.94
CA LYS B 46 26.90 13.45 17.05
C LYS B 46 26.08 12.23 17.44
N GLN B 47 24.93 12.46 18.07
CA GLN B 47 23.98 11.39 18.40
C GLN B 47 22.74 11.61 17.57
N ASN B 48 22.00 10.55 17.32
CA ASN B 48 20.69 10.68 16.77
C ASN B 48 19.68 11.10 17.84
N LEU B 49 18.63 11.77 17.39
CA LEU B 49 17.50 12.20 18.25
C LEU B 49 16.33 11.26 17.98
N VAL B 50 15.72 10.76 19.05
CA VAL B 50 14.45 10.04 19.00
C VAL B 50 13.37 10.92 19.58
N ILE B 51 12.26 11.05 18.85
CA ILE B 51 11.07 11.84 19.25
C ILE B 51 9.92 10.86 19.46
N MET B 52 9.22 11.01 20.57
CA MET B 52 8.10 10.09 20.92
C MET B 52 7.04 10.84 21.71
N GLY B 53 5.83 10.32 21.70
CA GLY B 53 4.78 10.86 22.53
C GLY B 53 4.87 10.35 23.97
N LYS B 54 4.01 10.86 24.82
CA LYS B 54 4.16 10.67 26.24
C LYS B 54 3.83 9.23 26.65
N LYS B 55 2.80 8.65 26.04
CA LYS B 55 2.45 7.26 26.37
C LYS B 55 3.55 6.29 25.92
N THR B 56 4.15 6.52 24.74
CA THR B 56 5.31 5.74 24.31
C THR B 56 6.47 5.83 25.31
N TRP B 57 6.81 7.06 25.77
CA TRP B 57 7.82 7.22 26.82
C TRP B 57 7.54 6.28 27.99
N PHE B 58 6.32 6.36 28.54
CA PHE B 58 6.00 5.61 29.74
C PHE B 58 5.83 4.12 29.49
N SER B 59 5.76 3.70 28.23
CA SER B 59 5.71 2.28 27.89
C SER B 59 7.10 1.64 27.94
N ILE B 60 8.16 2.45 27.93
CA ILE B 60 9.53 1.93 28.03
C ILE B 60 9.81 1.58 29.49
N PRO B 61 10.41 0.39 29.74
CA PRO B 61 10.79 0.03 31.10
C PRO B 61 11.67 1.11 31.71
N GLU B 62 11.37 1.51 32.94
CA GLU B 62 12.09 2.60 33.55
C GLU B 62 13.59 2.37 33.48
N LYS B 63 14.02 1.10 33.57
CA LYS B 63 15.44 0.74 33.55
C LYS B 63 16.13 1.00 32.20
N ASN B 64 15.33 1.14 31.13
CA ASN B 64 15.84 1.41 29.78
C ASN B 64 15.52 2.82 29.27
N ARG B 65 14.97 3.68 30.13
CA ARG B 65 14.72 5.11 29.80
C ARG B 65 15.83 5.95 30.44
N PRO B 66 16.39 6.93 29.72
CA PRO B 66 16.18 7.26 28.32
C PRO B 66 16.83 6.18 27.44
N LEU B 67 16.34 6.00 26.23
CA LEU B 67 16.96 5.08 25.29
C LEU B 67 18.44 5.46 25.15
N LYS B 68 19.32 4.50 25.41
CA LYS B 68 20.76 4.73 25.49
C LYS B 68 21.34 5.17 24.15
N GLY B 69 22.32 6.07 24.18
CA GLY B 69 23.05 6.46 22.98
C GLY B 69 22.34 7.34 21.99
N ARG B 70 21.17 7.83 22.40
CA ARG B 70 20.30 8.69 21.60
C ARG B 70 19.79 9.83 22.50
N ILE B 71 19.61 11.02 21.93
CA ILE B 71 18.99 12.14 22.64
C ILE B 71 17.46 11.86 22.61
N ASN B 72 16.82 11.88 23.78
CA ASN B 72 15.41 11.48 23.88
C ASN B 72 14.58 12.74 24.11
N LEU B 73 13.61 12.98 23.22
CA LEU B 73 12.71 14.13 23.26
C LEU B 73 11.25 13.62 23.23
N VAL B 74 10.46 14.14 24.17
CA VAL B 74 9.07 13.77 24.30
C VAL B 74 8.18 14.91 23.83
N LEU B 75 7.14 14.56 23.07
CA LEU B 75 6.10 15.52 22.67
C LEU B 75 4.94 15.46 23.65
N SER B 76 4.52 16.63 24.14
CA SER B 76 3.33 16.77 24.95
C SER B 76 2.91 18.22 24.99
N ARG B 77 1.61 18.46 25.05
CA ARG B 77 1.09 19.81 25.26
C ARG B 77 0.78 20.07 26.74
N GLU B 78 0.56 19.00 27.50
CA GLU B 78 0.15 19.12 28.89
C GLU B 78 1.35 19.20 29.82
N LEU B 79 2.39 18.42 29.53
CA LEU B 79 3.60 18.50 30.33
C LEU B 79 4.26 19.89 30.17
N LYS B 80 4.86 20.36 31.26
CA LYS B 80 5.58 21.61 31.25
C LYS B 80 7.09 21.42 31.35
N GLU B 81 7.50 20.24 31.79
CA GLU B 81 8.91 19.85 31.85
C GLU B 81 9.07 18.43 31.34
N PRO B 82 10.27 18.08 30.85
CA PRO B 82 10.40 16.71 30.34
C PRO B 82 10.18 15.70 31.47
N PRO B 83 9.60 14.53 31.16
CA PRO B 83 9.51 13.52 32.20
C PRO B 83 10.90 13.13 32.68
N GLN B 84 10.99 12.76 33.95
CA GLN B 84 12.26 12.40 34.57
C GLN B 84 12.96 11.38 33.71
N GLY B 85 14.18 11.72 33.30
CA GLY B 85 15.00 10.88 32.44
C GLY B 85 15.10 11.34 30.99
N ALA B 86 14.08 12.07 30.51
CA ALA B 86 14.07 12.53 29.14
C ALA B 86 14.89 13.81 29.04
N HIS B 87 15.49 14.03 27.87
CA HIS B 87 16.42 15.14 27.70
C HIS B 87 15.70 16.43 27.35
N PHE B 88 14.62 16.32 26.58
CA PHE B 88 13.90 17.50 26.06
C PHE B 88 12.41 17.25 25.94
N LEU B 89 11.66 18.35 25.92
CA LEU B 89 10.21 18.36 25.79
C LEU B 89 9.86 19.42 24.74
N SER B 90 9.02 19.06 23.78
CA SER B 90 8.45 20.02 22.85
C SER B 90 6.94 19.85 22.72
N ARG B 91 6.27 20.93 22.33
CA ARG B 91 4.81 20.92 22.08
C ARG B 91 4.37 20.41 20.69
N SER B 92 5.30 20.30 19.76
CA SER B 92 5.01 19.82 18.40
C SER B 92 6.27 19.36 17.70
N LEU B 93 6.12 18.60 16.63
CA LEU B 93 7.25 18.16 15.82
C LEU B 93 7.98 19.39 15.31
N ASP B 94 7.26 20.38 14.79
CA ASP B 94 7.97 21.55 14.30
C ASP B 94 8.76 22.26 15.38
N ASP B 95 8.20 22.39 16.57
CA ASP B 95 8.94 22.96 17.69
C ASP B 95 10.18 22.11 18.01
N ALA B 96 10.05 20.79 17.94
CA ALA B 96 11.19 19.92 18.23
C ALA B 96 12.32 20.12 17.22
N LEU B 97 11.96 20.23 15.94
CA LEU B 97 12.98 20.41 14.88
C LEU B 97 13.69 21.74 14.98
N LYS B 98 12.96 22.77 15.38
CA LYS B 98 13.54 24.07 15.63
C LYS B 98 14.53 24.03 16.79
N LEU B 99 14.22 23.21 17.80
CA LEU B 99 15.05 23.12 18.98
C LEU B 99 16.45 22.59 18.64
N THR B 100 16.54 21.73 17.63
CA THR B 100 17.83 21.07 17.32
C THR B 100 18.87 22.04 16.78
N GLU B 101 18.44 23.20 16.34
CA GLU B 101 19.35 24.22 15.81
C GLU B 101 19.67 25.35 16.80
N GLN B 102 18.97 25.42 17.92
CA GLN B 102 19.31 26.35 19.00
C GLN B 102 20.67 25.98 19.59
N PRO B 103 21.31 26.91 20.30
CA PRO B 103 22.68 26.68 20.78
C PRO B 103 22.98 25.37 21.55
N GLU B 104 22.06 24.93 22.42
CA GLU B 104 22.34 23.74 23.24
C GLU B 104 22.52 22.49 22.37
N LEU B 105 21.66 22.31 21.38
CA LEU B 105 21.71 21.16 20.46
C LEU B 105 22.44 21.37 19.13
N ALA B 106 22.84 22.60 18.84
CA ALA B 106 23.52 22.89 17.58
C ALA B 106 24.78 22.03 17.50
N ASN B 107 24.97 21.38 16.37
CA ASN B 107 26.12 20.48 16.14
C ASN B 107 26.19 19.21 17.01
N LYS B 108 25.09 18.84 17.63
CA LYS B 108 25.03 17.62 18.44
C LYS B 108 24.16 16.54 17.88
N VAL B 109 23.25 16.87 16.96
CA VAL B 109 22.26 15.92 16.45
C VAL B 109 22.56 15.54 15.02
N ASP B 110 22.49 14.25 14.71
CA ASP B 110 22.59 13.79 13.33
C ASP B 110 21.19 13.47 12.81
N MET B 111 20.78 12.22 12.84
CA MET B 111 19.48 11.83 12.31
C MET B 111 18.40 12.06 13.35
N VAL B 112 17.20 12.32 12.85
CA VAL B 112 15.98 12.39 13.66
C VAL B 112 15.06 11.21 13.33
N TRP B 113 14.69 10.47 14.37
CA TRP B 113 13.82 9.27 14.30
C TRP B 113 12.56 9.50 15.12
N ILE B 114 11.40 9.38 14.46
CA ILE B 114 10.12 9.39 15.14
C ILE B 114 9.75 7.96 15.49
N VAL B 115 9.50 7.68 16.77
CA VAL B 115 9.36 6.30 17.23
C VAL B 115 7.97 6.01 17.85
N GLY B 116 7.01 6.92 17.68
CA GLY B 116 5.60 6.67 18.03
C GLY B 116 5.08 7.60 19.10
N GLY B 117 3.77 7.59 19.40
CA GLY B 117 2.77 6.70 18.82
C GLY B 117 1.94 7.27 17.68
N SER B 118 0.66 6.87 17.63
CA SER B 118 -0.17 7.10 16.43
C SER B 118 -0.16 8.56 15.96
N SER B 119 -0.43 9.49 16.89
CA SER B 119 -0.58 10.88 16.48
C SER B 119 0.76 11.52 16.17
N VAL B 120 1.84 10.99 16.74
CA VAL B 120 3.19 11.44 16.39
C VAL B 120 3.54 10.98 14.98
N TYR B 121 3.26 9.71 14.67
CA TYR B 121 3.44 9.23 13.29
C TYR B 121 2.58 10.03 12.30
N LYS B 122 1.31 10.30 12.65
CA LYS B 122 0.41 11.01 11.72
C LYS B 122 1.02 12.37 11.35
N GLU B 123 1.50 13.11 12.35
CA GLU B 123 2.05 14.45 12.14
C GLU B 123 3.32 14.34 11.33
N ALA B 124 4.18 13.41 11.69
CA ALA B 124 5.47 13.29 11.01
C ALA B 124 5.30 12.93 9.54
N MET B 125 4.41 12.00 9.25
CA MET B 125 4.25 11.54 7.86
C MET B 125 3.81 12.65 6.93
N ASN B 126 3.20 13.71 7.49
CA ASN B 126 2.80 14.87 6.73
C ASN B 126 3.81 16.01 6.71
N HIS B 127 4.92 15.87 7.43
CA HIS B 127 5.91 16.94 7.54
C HIS B 127 6.53 17.13 6.16
N PRO B 128 6.80 18.38 5.77
CA PRO B 128 7.36 18.63 4.43
C PRO B 128 8.78 18.08 4.23
N GLY B 129 9.11 17.75 2.99
CA GLY B 129 10.48 17.38 2.61
C GLY B 129 10.73 15.88 2.58
N HIS B 130 12.00 15.52 2.45
CA HIS B 130 12.38 14.12 2.38
C HIS B 130 12.06 13.41 3.68
N LEU B 131 11.50 12.21 3.58
CA LEU B 131 11.10 11.48 4.74
C LEU B 131 11.06 10.01 4.39
N LYS B 132 11.64 9.19 5.24
CA LYS B 132 11.57 7.75 5.09
C LYS B 132 10.81 7.11 6.23
N LEU B 133 10.05 6.06 5.91
CA LEU B 133 9.28 5.27 6.88
C LEU B 133 9.88 3.86 6.87
N PHE B 134 10.43 3.44 7.99
CA PHE B 134 10.93 2.09 8.19
C PHE B 134 9.82 1.34 8.90
N VAL B 135 9.13 0.50 8.13
CA VAL B 135 7.90 -0.17 8.58
C VAL B 135 8.16 -1.68 8.63
N THR B 136 8.11 -2.27 9.83
CA THR B 136 8.18 -3.72 9.95
C THR B 136 6.76 -4.27 9.88
N ARG B 137 6.48 -5.05 8.85
CA ARG B 137 5.17 -5.66 8.65
C ARG B 137 5.18 -7.02 9.33
N ILE B 138 4.51 -7.07 10.49
CA ILE B 138 4.22 -8.32 11.22
C ILE B 138 3.04 -8.93 10.44
N MET B 139 3.27 -10.10 9.87
CA MET B 139 2.43 -10.67 8.81
C MET B 139 1.26 -11.54 9.31
N GLN B 140 0.60 -11.07 10.38
CA GLN B 140 -0.65 -11.64 10.85
C GLN B 140 -1.32 -10.62 11.74
N ASP B 141 -2.59 -10.90 12.06
CA ASP B 141 -3.38 -10.03 12.91
C ASP B 141 -3.01 -10.24 14.37
N PHE B 142 -3.06 -9.16 15.14
CA PHE B 142 -3.01 -9.19 16.62
C PHE B 142 -4.02 -8.18 17.16
N GLU B 143 -4.73 -8.54 18.22
CA GLU B 143 -5.70 -7.65 18.85
C GLU B 143 -4.97 -6.42 19.35
N SER B 144 -5.46 -5.25 18.96
CA SER B 144 -4.76 -3.98 19.20
C SER B 144 -5.76 -2.93 19.63
N ASP B 145 -5.27 -1.93 20.34
CA ASP B 145 -6.08 -0.76 20.70
C ASP B 145 -5.47 0.57 20.24
N THR B 146 -4.34 0.49 19.54
CA THR B 146 -3.61 1.63 19.00
C THR B 146 -3.15 1.23 17.61
N PHE B 147 -3.27 2.12 16.63
CA PHE B 147 -3.11 1.77 15.21
C PHE B 147 -2.20 2.74 14.47
N PHE B 148 -1.53 2.22 13.45
CA PHE B 148 -0.68 3.07 12.59
C PHE B 148 -1.54 3.71 11.50
N PRO B 149 -1.37 5.03 11.21
CA PRO B 149 -2.15 5.68 10.17
C PRO B 149 -1.83 5.13 8.79
N GLU B 150 -2.76 5.30 7.86
CA GLU B 150 -2.62 4.69 6.53
C GLU B 150 -1.50 5.41 5.81
N ILE B 151 -0.70 4.67 5.04
CA ILE B 151 0.37 5.29 4.26
C ILE B 151 -0.17 5.75 2.91
N ASP B 152 -0.06 7.05 2.66
CA ASP B 152 -0.55 7.67 1.43
C ASP B 152 0.42 7.43 0.28
N LEU B 153 0.04 6.57 -0.66
CA LEU B 153 0.90 6.20 -1.79
C LEU B 153 0.93 7.29 -2.87
N GLU B 154 0.11 8.33 -2.71
CA GLU B 154 0.25 9.54 -3.54
C GLU B 154 1.58 10.22 -3.23
N LYS B 155 2.00 10.12 -1.98
CA LYS B 155 3.23 10.71 -1.47
C LYS B 155 4.37 9.72 -1.35
N TYR B 156 4.10 8.59 -0.73
CA TYR B 156 5.15 7.60 -0.42
C TYR B 156 5.28 6.51 -1.47
N LYS B 157 6.49 6.04 -1.67
CA LYS B 157 6.75 4.87 -2.52
C LYS B 157 7.48 3.84 -1.73
N LEU B 158 7.08 2.58 -1.92
CA LEU B 158 7.80 1.45 -1.38
C LEU B 158 9.09 1.22 -2.16
N LEU B 159 10.22 1.27 -1.48
CA LEU B 159 11.49 1.03 -2.12
C LEU B 159 11.66 -0.49 -2.22
N PRO B 160 12.11 -1.01 -3.37
CA PRO B 160 12.24 -2.47 -3.50
C PRO B 160 13.33 -3.06 -2.60
N GLU B 161 14.34 -2.27 -2.30
CA GLU B 161 15.32 -2.62 -1.30
C GLU B 161 15.97 -1.34 -0.79
N TYR B 162 16.72 -1.49 0.29
CA TYR B 162 17.43 -0.38 0.85
C TYR B 162 18.71 -0.96 1.43
N PRO B 163 19.84 -0.30 1.19
CA PRO B 163 21.09 -0.84 1.71
C PRO B 163 21.03 -0.93 3.21
N GLY B 164 21.46 -2.05 3.76
CA GLY B 164 21.49 -2.19 5.19
C GLY B 164 20.25 -2.80 5.77
N VAL B 165 19.21 -3.00 4.94
CA VAL B 165 17.96 -3.60 5.38
C VAL B 165 17.72 -4.92 4.63
N LEU B 166 17.46 -5.99 5.37
CA LEU B 166 17.18 -7.28 4.80
C LEU B 166 15.85 -7.24 4.06
N SER B 167 15.83 -7.91 2.91
CA SER B 167 14.62 -7.98 2.05
C SER B 167 13.71 -9.18 2.29
N ASP B 168 14.27 -10.31 2.76
CA ASP B 168 13.49 -11.53 2.85
C ASP B 168 12.63 -11.55 4.11
N VAL B 169 11.62 -12.40 4.10
CA VAL B 169 10.79 -12.59 5.27
C VAL B 169 11.65 -13.15 6.39
N GLN B 170 11.48 -12.56 7.56
CA GLN B 170 12.13 -12.94 8.81
C GLN B 170 11.15 -13.74 9.65
N GLU B 171 11.67 -14.60 10.50
CA GLU B 171 10.81 -15.35 11.43
C GLU B 171 11.46 -15.48 12.78
N GLU B 172 10.73 -15.08 13.82
CA GLU B 172 11.22 -15.22 15.19
C GLU B 172 10.04 -15.66 16.02
N LYS B 173 10.26 -16.60 16.92
CA LYS B 173 9.22 -17.10 17.81
C LYS B 173 7.93 -17.44 17.04
N GLY B 174 8.08 -18.00 15.84
CA GLY B 174 6.97 -18.44 15.00
C GLY B 174 6.22 -17.35 14.29
N ILE B 175 6.70 -16.12 14.41
CA ILE B 175 6.02 -14.97 13.82
C ILE B 175 6.83 -14.46 12.63
N LYS B 176 6.21 -14.42 11.45
CA LYS B 176 6.84 -13.95 10.25
C LYS B 176 6.66 -12.43 10.11
N TYR B 177 7.72 -11.73 9.72
CA TYR B 177 7.66 -10.29 9.46
C TYR B 177 8.66 -9.90 8.38
N LYS B 178 8.48 -8.71 7.82
CA LYS B 178 9.41 -8.21 6.83
C LYS B 178 9.66 -6.74 7.07
N PHE B 179 10.88 -6.33 6.75
CA PHE B 179 11.33 -4.94 6.85
C PHE B 179 11.07 -4.21 5.52
N GLU B 180 10.26 -3.15 5.58
CA GLU B 180 9.96 -2.31 4.46
C GLU B 180 10.50 -0.89 4.70
N VAL B 181 10.86 -0.22 3.60
CA VAL B 181 11.28 1.18 3.60
C VAL B 181 10.46 1.94 2.53
N TYR B 182 9.78 3.01 2.96
CA TYR B 182 9.01 3.91 2.10
C TYR B 182 9.71 5.25 2.09
N GLU B 183 9.55 5.98 1.01
CA GLU B 183 10.15 7.29 0.95
C GLU B 183 9.22 8.29 0.22
N LYS B 184 9.25 9.54 0.67
CA LYS B 184 8.78 10.67 -0.12
C LYS B 184 9.88 11.71 -0.19
N ASN B 185 9.85 12.46 -1.27
CA ASN B 185 10.89 13.46 -1.47
C ASN B 185 10.47 14.90 -1.24
N ASP B 186 9.16 15.14 -1.19
CA ASP B 186 8.64 16.49 -1.04
C ASP B 186 7.65 16.61 0.11
PA NDP C . -7.91 -2.66 -4.71
O1A NDP C . -9.28 -3.21 -4.84
O2A NDP C . -7.30 -2.26 -5.99
O5B NDP C . -7.85 -1.34 -3.80
C5B NDP C . -8.44 -1.31 -2.53
C4B NDP C . -9.02 0.10 -2.29
O4B NDP C . -9.81 0.51 -3.40
C3B NDP C . -9.95 0.16 -1.10
O3B NDP C . -9.30 0.29 0.14
C2B NDP C . -10.83 1.34 -1.46
O2B NDP C . -10.15 2.56 -1.28
C1B NDP C . -10.99 1.13 -2.95
N9A NDP C . -12.11 0.24 -3.31
C8A NDP C . -12.00 -1.09 -3.64
N7A NDP C . -13.25 -1.55 -3.94
C5A NDP C . -14.13 -0.54 -3.80
C6A NDP C . -15.51 -0.47 -3.98
N6A NDP C . -16.05 -1.35 -4.83
N1A NDP C . -16.14 0.75 -3.75
C2A NDP C . -15.44 1.87 -3.35
N3A NDP C . -14.06 1.79 -3.17
C4A NDP C . -13.43 0.60 -3.40
O3 NDP C . -6.91 -3.61 -3.92
PN NDP C . -6.40 -5.15 -3.92
O1N NDP C . -5.43 -5.28 -2.79
O2N NDP C . -7.51 -6.14 -3.99
O5D NDP C . -5.62 -5.23 -5.33
C5D NDP C . -4.29 -4.77 -5.50
C4D NDP C . -3.36 -5.99 -5.63
O4D NDP C . -3.87 -6.86 -6.65
C3D NDP C . -1.96 -5.64 -6.07
O3D NDP C . -1.07 -6.65 -5.63
C2D NDP C . -2.02 -5.72 -7.57
O2D NDP C . -0.72 -5.93 -8.13
C1D NDP C . -2.95 -6.90 -7.74
N1N NDP C . -3.69 -6.83 -9.02
C2N NDP C . -3.60 -7.91 -9.84
C3N NDP C . -4.39 -8.07 -10.96
C7N NDP C . -4.29 -9.35 -11.73
O7N NDP C . -5.17 -9.41 -12.77
N7N NDP C . -3.40 -10.34 -11.43
C4N NDP C . -5.58 -7.14 -11.18
C5N NDP C . -5.54 -5.96 -10.27
C6N NDP C . -4.64 -5.86 -9.21
P2B NDP C . -10.34 3.53 -0.03
O1X NDP C . -9.65 2.90 1.13
O2X NDP C . -9.66 4.82 -0.43
O3X NDP C . -11.84 3.71 0.12
N1 34B D . -3.39 -9.36 -16.88
C2 34B D . -4.70 -9.32 -17.04
N3 34B D . -5.61 -8.59 -16.40
C4 34B D . -5.10 -7.77 -15.49
C5 34B D . -3.72 -7.70 -15.17
C6 34B D . -2.90 -8.55 -15.90
B4 34B D . -1.77 -5.06 -15.72
B9 34B D . -0.62 -3.81 -15.26
B6 34B D . -3.66 -4.11 -13.81
B10 34B D . -2.12 -3.37 -16.10
B8 34B D . -0.85 -3.49 -13.53
B7 34B D . -2.49 -2.87 -13.31
B3 34B D . -0.99 -5.14 -14.17
B5 34B D . -3.40 -4.43 -15.51
N2' 34B D . -5.20 -10.18 -18.04
N4' 34B D . -6.06 -7.00 -14.84
C6' 34B D . -1.37 -8.62 -15.71
C5' 34B D . -3.15 -6.85 -14.07
C1C 34B D . -2.68 -5.41 -14.34
C2C 34B D . -2.16 -4.51 -13.08
B11 34B D . -3.28 -2.79 -14.90
B12 34B D . -1.57 -2.41 -14.75
PA NDP E . 1.66 8.40 22.21
O1A NDP E . 1.53 9.08 20.90
O2A NDP E . 3.01 7.86 22.47
O5B NDP E . 1.33 9.37 23.42
C5B NDP E . 0.17 10.17 23.28
C4B NDP E . 0.41 11.52 23.94
O4B NDP E . 1.58 12.14 23.40
C3B NDP E . -0.72 12.51 23.74
O3B NDP E . -1.74 12.38 24.71
C2B NDP E . 0.05 13.81 23.83
O2B NDP E . 0.41 14.13 25.15
C1B NDP E . 1.36 13.51 23.14
N9A NDP E . 1.35 13.66 21.67
C8A NDP E . 1.13 12.68 20.75
N7A NDP E . 1.25 13.20 19.51
C5A NDP E . 1.57 14.50 19.61
C6A NDP E . 1.81 15.48 18.64
N6A NDP E . 1.88 15.12 17.35
N1A NDP E . 2.12 16.75 19.05
C2A NDP E . 2.19 17.05 20.42
N3A NDP E . 1.95 16.08 21.38
C4A NDP E . 1.65 14.81 20.98
O3 NDP E . 0.45 7.31 22.39
PN NDP E . -0.12 5.99 21.60
O1N NDP E . -1.15 5.43 22.52
O2N NDP E . -0.45 6.30 20.19
O5D NDP E . 1.15 5.00 21.61
C5D NDP E . 1.43 4.18 22.73
C4D NDP E . 1.08 2.73 22.38
O4D NDP E . 1.63 2.33 21.13
C3D NDP E . 1.59 1.70 23.38
O3D NDP E . 0.76 0.58 23.38
C2D NDP E . 2.93 1.32 22.82
O2D NDP E . 3.38 0.08 23.31
C1D NDP E . 2.62 1.33 21.32
N1N NDP E . 3.80 1.61 20.49
C2N NDP E . 4.15 0.69 19.54
C3N NDP E . 4.91 1.09 18.46
C7N NDP E . 5.29 0.03 17.49
O7N NDP E . 6.21 0.36 16.57
N7N NDP E . 4.69 -1.15 17.42
C4N NDP E . 5.69 2.38 18.46
C5N NDP E . 5.27 3.28 19.57
C6N NDP E . 4.37 2.87 20.53
P2B NDP E . -0.46 15.16 26.00
O1X NDP E . -1.77 14.52 26.31
O2X NDP E . 0.26 15.37 27.31
O3X NDP E . -0.62 16.45 25.23
N1 34B F . 10.00 -1.98 16.45
C2 34B F . 10.12 -0.99 15.60
N3 34B F . 9.86 0.28 15.72
C4 34B F . 9.35 0.58 16.92
C5 34B F . 9.13 -0.34 17.95
C6 34B F . 9.46 -1.65 17.63
B4 34B F . 10.74 -0.50 20.83
B9 34B F . 10.84 -0.55 22.59
B6 34B F . 9.39 2.01 20.95
B10 34B F . 11.78 0.63 21.70
B8 34B F . 9.40 0.26 23.24
B7 34B F . 9.46 1.94 22.72
B3 34B F . 9.29 -0.74 21.78
B5 34B F . 10.80 1.18 20.34
N2' 34B F . 10.65 -1.35 14.38
N4' 34B F . 9.07 1.90 17.09
C6' 34B F . 9.27 -2.81 18.63
C5' 34B F . 8.48 -0.02 19.26
C1C 34B F . 9.33 0.37 20.48
C2C 34B F . 8.56 0.81 21.85
B11 34B F . 10.94 2.18 21.77
B12 34B F . 10.96 1.12 23.16
C1 GOL G . 22.23 -9.55 3.54
O1 GOL G . 23.18 -8.82 4.31
C2 GOL G . 21.82 -8.76 2.30
O2 GOL G . 22.01 -9.54 1.16
C3 GOL G . 20.39 -8.22 2.37
O3 GOL G . 19.81 -8.02 1.08
#